data_3OZO
#
_entry.id   3OZO
#
_cell.length_a   108.040
_cell.length_b   108.040
_cell.length_c   175.000
_cell.angle_alpha   90.00
_cell.angle_beta   90.00
_cell.angle_gamma   120.00
#
_symmetry.space_group_name_H-M   'P 32 2 1'
#
loop_
_entity.id
_entity.type
_entity.pdbx_description
1 polymer N-acetylglucosaminidase
2 non-polymer 3AR,5R,6S,7R,7AR-5-HYDROXYMETHYL-2-METHYL-5,6,7,7A-TETRAHYDRO-3AH-PYRANO[3,2-D]THIAZOLE-6,7-DIOL
3 water water
#
_entity_poly.entity_id   1
_entity_poly.type   'polypeptide(L)'
_entity_poly.pdbx_seq_one_letter_code
;EDVVWRWSCDNGKCVKLKNDPRSSEPALSLEACKMFCNEYGLLWPRPTGEADLGNFLSKINLNSIEVKILKKGATDDLME
AAAKRFKEQVSLAIPRGSTPKLTGKAVDVYLVNENPNEKAFSLEMDESYGLRVSPSGADRVNATITANSFFGMRHGLETL
SQLFVFDDIRDHLLMVRDVNISDKPVYPYRGILLDTARNYYSIESIKRTIEAMAAVKLNTFHWHITDSQSFPFVTTKRPN
LYKFGALSPQKVYTKAAIREVVRFGLERGVRVLPEFDAPAHVGEGWQDTDLTVCFKAEPWKSYCVEPPCGQLNPTKDELY
QYLEDIYSDMAEVFDTTDIFHMGGDEVSEACWNSSDSIQNFMMQNRWDLDKESFLKLWNYFQQKAQDKAYKAFGKKLPLI
LWTSTLTNYKHIDDYLNKDDYIIQVWTTGVDPQIKGLLEKGYRLIMSNYDALYFDCGYGAWVGAGNNWCSPYIGWQKVYD
NSPAVIALEHRDQVLGGEAALWSEQSDTSTLDGRLWPRAAALAERLWAEPATSWQDAEYRMLHIRERLVRMGIQAESLQP
EWCYQNEGYCYS
;
_entity_poly.pdbx_strand_id   A
#
# COMPACT_ATOMS: atom_id res chain seq x y z
N GLU A 1 -22.21 -31.80 6.18
CA GLU A 1 -23.19 -31.82 7.32
C GLU A 1 -23.06 -30.60 8.26
N ASP A 2 -23.15 -30.84 9.57
CA ASP A 2 -23.19 -29.77 10.56
C ASP A 2 -21.91 -29.69 11.37
N VAL A 3 -21.53 -28.49 11.78
CA VAL A 3 -20.37 -28.32 12.66
C VAL A 3 -20.62 -28.94 14.04
N VAL A 4 -19.57 -29.60 14.53
CA VAL A 4 -19.65 -30.51 15.64
C VAL A 4 -19.06 -29.90 16.92
N TRP A 5 -18.32 -28.80 16.74
CA TRP A 5 -17.58 -28.18 17.83
C TRP A 5 -18.18 -26.85 18.28
N ARG A 6 -17.73 -26.40 19.44
CA ARG A 6 -18.01 -25.07 19.94
C ARG A 6 -16.74 -24.53 20.59
N TRP A 7 -16.69 -23.24 20.84
CA TRP A 7 -15.51 -22.60 21.41
C TRP A 7 -15.84 -21.79 22.66
N SER A 8 -14.92 -21.80 23.61
CA SER A 8 -15.11 -21.09 24.87
C SER A 8 -13.85 -20.33 25.23
N CYS A 9 -14.02 -19.07 25.62
CA CYS A 9 -12.90 -18.19 25.96
C CYS A 9 -12.27 -18.56 27.30
N ASP A 10 -10.96 -18.79 27.28
CA ASP A 10 -10.22 -19.14 28.48
C ASP A 10 -8.84 -18.48 28.43
N ASN A 11 -8.63 -17.51 29.32
CA ASN A 11 -7.39 -16.72 29.39
C ASN A 11 -6.99 -16.07 28.06
N GLY A 12 -7.97 -15.52 27.35
CA GLY A 12 -7.72 -14.84 26.07
C GLY A 12 -7.56 -15.76 24.87
N LYS A 13 -7.94 -17.03 25.04
CA LYS A 13 -7.85 -18.03 23.97
C LYS A 13 -9.16 -18.79 23.80
N CYS A 14 -9.60 -18.91 22.55
CA CYS A 14 -10.80 -19.68 22.23
C CYS A 14 -10.46 -21.17 22.15
N VAL A 15 -10.92 -21.93 23.13
CA VAL A 15 -10.62 -23.36 23.18
C VAL A 15 -11.77 -24.17 22.59
N LYS A 16 -11.41 -25.11 21.71
CA LYS A 16 -12.38 -25.94 21.03
C LYS A 16 -12.89 -27.02 21.97
N LEU A 17 -14.21 -27.11 22.08
CA LEU A 17 -14.86 -28.09 22.93
C LEU A 17 -15.97 -28.77 22.17
N LYS A 18 -16.25 -30.02 22.54
CA LYS A 18 -17.39 -30.73 22.01
C LYS A 18 -18.67 -29.94 22.28
N ASN A 19 -19.49 -29.77 21.25
CA ASN A 19 -20.80 -29.17 21.43
C ASN A 19 -21.77 -30.27 21.85
N ASP A 20 -21.69 -30.64 23.12
CA ASP A 20 -22.48 -31.74 23.68
C ASP A 20 -23.92 -31.31 23.91
N PRO A 21 -24.89 -32.15 23.52
CA PRO A 21 -26.32 -31.81 23.57
C PRO A 21 -26.85 -31.57 24.98
N ARG A 22 -26.25 -32.20 25.99
CA ARG A 22 -26.73 -32.08 27.36
C ARG A 22 -26.10 -30.90 28.08
N SER A 23 -26.50 -29.71 27.64
CA SER A 23 -25.96 -28.46 28.14
C SER A 23 -27.01 -27.37 28.00
N SER A 24 -27.05 -26.47 28.99
CA SER A 24 -27.98 -25.33 28.97
C SER A 24 -27.27 -24.04 28.53
N GLU A 25 -25.97 -24.15 28.28
CA GLU A 25 -25.16 -23.01 27.86
C GLU A 25 -25.19 -22.91 26.33
N PRO A 26 -25.50 -21.72 25.78
CA PRO A 26 -25.52 -21.56 24.33
C PRO A 26 -24.13 -21.72 23.75
N ALA A 27 -24.02 -22.55 22.71
CA ALA A 27 -22.73 -22.82 22.06
C ALA A 27 -22.27 -21.63 21.23
N LEU A 28 -21.00 -21.28 21.36
CA LEU A 28 -20.39 -20.20 20.57
C LEU A 28 -19.64 -20.76 19.38
N SER A 29 -19.90 -20.19 18.21
CA SER A 29 -19.10 -20.48 17.01
C SER A 29 -17.71 -19.88 17.19
N LEU A 30 -16.75 -20.32 16.38
CA LEU A 30 -15.36 -19.88 16.49
C LEU A 30 -15.22 -18.35 16.46
N GLU A 31 -15.80 -17.73 15.44
CA GLU A 31 -15.68 -16.28 15.25
C GLU A 31 -16.41 -15.47 16.32
N ALA A 32 -17.53 -15.99 16.79
CA ALA A 32 -18.29 -15.36 17.87
C ALA A 32 -17.48 -15.32 19.15
N CYS A 33 -16.80 -16.43 19.45
CA CYS A 33 -15.88 -16.50 20.59
C CYS A 33 -14.73 -15.51 20.42
N LYS A 34 -14.08 -15.52 19.24
CA LYS A 34 -12.94 -14.65 18.98
C LYS A 34 -13.27 -13.17 19.15
N MET A 35 -14.43 -12.75 18.65
CA MET A 35 -14.87 -11.36 18.74
C MET A 35 -14.80 -10.78 20.16
N PHE A 36 -15.09 -11.59 21.17
CA PHE A 36 -15.07 -11.11 22.55
C PHE A 36 -13.92 -11.63 23.39
N CYS A 37 -13.30 -12.71 22.94
CA CYS A 37 -12.16 -13.28 23.66
C CYS A 37 -10.89 -12.49 23.39
N ASN A 38 -10.76 -11.96 22.17
CA ASN A 38 -9.62 -11.14 21.80
C ASN A 38 -9.82 -9.70 22.26
N GLU A 39 -8.73 -9.07 22.71
CA GLU A 39 -8.78 -7.66 23.15
C GLU A 39 -9.44 -6.76 22.11
N TYR A 40 -9.12 -6.96 20.83
CA TYR A 40 -9.66 -6.12 19.76
C TYR A 40 -10.57 -6.89 18.82
N GLY A 41 -11.07 -8.03 19.29
CA GLY A 41 -12.00 -8.85 18.51
C GLY A 41 -11.45 -9.31 17.17
N LEU A 42 -12.22 -9.06 16.11
CA LEU A 42 -11.79 -9.42 14.76
C LEU A 42 -11.34 -8.20 13.92
N LEU A 43 -11.08 -7.08 14.58
CA LEU A 43 -10.73 -5.85 13.86
C LEU A 43 -9.29 -5.85 13.37
N TRP A 44 -9.10 -5.33 12.16
CA TRP A 44 -7.76 -5.09 11.62
C TRP A 44 -7.75 -3.96 10.58
N PRO A 45 -6.98 -2.89 10.83
CA PRO A 45 -6.18 -2.71 12.04
C PRO A 45 -7.06 -2.40 13.26
N ARG A 46 -6.51 -2.61 14.44
CA ARG A 46 -7.16 -2.21 15.70
C ARG A 46 -7.23 -0.68 15.76
N PRO A 47 -8.31 -0.12 16.34
CA PRO A 47 -8.44 1.34 16.46
C PRO A 47 -7.40 1.98 17.38
N THR A 48 -7.21 3.29 17.22
CA THR A 48 -6.23 4.05 18.01
C THR A 48 -6.84 4.76 19.22
N GLY A 49 -8.14 5.03 19.16
CA GLY A 49 -8.84 5.69 20.27
C GLY A 49 -9.73 4.72 21.02
N GLU A 50 -11.01 5.07 21.14
CA GLU A 50 -12.00 4.20 21.77
C GLU A 50 -12.16 2.89 21.00
N ALA A 51 -12.13 1.78 21.72
CA ALA A 51 -12.30 0.45 21.13
C ALA A 51 -13.20 -0.41 22.02
N ASP A 52 -14.44 0.03 22.17
CA ASP A 52 -15.41 -0.63 23.04
C ASP A 52 -16.38 -1.47 22.22
N LEU A 53 -16.25 -2.79 22.35
CA LEU A 53 -17.06 -3.72 21.58
C LEU A 53 -18.19 -4.34 22.41
N GLY A 54 -18.27 -3.98 23.68
CA GLY A 54 -19.32 -4.50 24.56
C GLY A 54 -19.17 -5.99 24.79
N ASN A 55 -20.30 -6.69 24.93
CA ASN A 55 -20.29 -8.11 25.29
C ASN A 55 -21.20 -8.99 24.44
N PHE A 56 -22.05 -8.39 23.62
CA PHE A 56 -23.11 -9.14 22.95
C PHE A 56 -23.14 -9.02 21.44
N LEU A 57 -23.78 -10.00 20.81
CA LEU A 57 -24.05 -10.01 19.38
C LEU A 57 -25.55 -10.03 19.12
N SER A 58 -25.97 -9.39 18.05
CA SER A 58 -27.36 -9.41 17.61
C SER A 58 -27.48 -10.06 16.26
N LYS A 59 -28.52 -10.86 16.07
CA LYS A 59 -28.80 -11.49 14.80
C LYS A 59 -29.43 -10.46 13.84
N ILE A 60 -28.86 -10.33 12.65
CA ILE A 60 -29.36 -9.35 11.69
C ILE A 60 -29.79 -9.98 10.37
N ASN A 61 -30.75 -9.32 9.71
CA ASN A 61 -31.20 -9.71 8.38
C ASN A 61 -30.31 -9.06 7.34
N LEU A 62 -29.61 -9.89 6.56
CA LEU A 62 -28.70 -9.43 5.50
C LEU A 62 -29.41 -8.51 4.50
N ASN A 63 -30.65 -8.87 4.13
CA ASN A 63 -31.44 -8.11 3.16
C ASN A 63 -32.13 -6.88 3.73
N SER A 64 -31.82 -6.52 4.97
CA SER A 64 -32.44 -5.38 5.63
C SER A 64 -31.41 -4.36 6.13
N ILE A 65 -30.33 -4.20 5.37
CA ILE A 65 -29.31 -3.20 5.69
C ILE A 65 -29.52 -1.99 4.79
N GLU A 66 -29.75 -0.84 5.41
CA GLU A 66 -30.00 0.39 4.67
C GLU A 66 -28.97 1.45 5.05
N VAL A 67 -28.33 2.04 4.05
CA VAL A 67 -27.33 3.07 4.28
C VAL A 67 -27.90 4.44 3.95
N LYS A 68 -27.78 5.36 4.90
CA LYS A 68 -28.31 6.72 4.76
C LYS A 68 -27.22 7.78 4.84
N ILE A 69 -27.05 8.52 3.75
CA ILE A 69 -26.11 9.64 3.70
C ILE A 69 -26.83 10.91 4.17
N LEU A 70 -26.40 11.45 5.32
CA LEU A 70 -27.11 12.56 5.96
C LEU A 70 -26.66 13.94 5.49
N LYS A 71 -25.45 14.03 4.95
CA LYS A 71 -24.92 15.29 4.42
C LYS A 71 -24.43 15.14 2.99
N LYS A 72 -25.11 15.82 2.07
CA LYS A 72 -24.77 15.77 0.65
C LYS A 72 -23.71 16.82 0.30
N GLY A 73 -22.93 16.54 -0.73
CA GLY A 73 -21.87 17.45 -1.19
C GLY A 73 -21.26 17.02 -2.51
N ALA A 74 -20.03 17.46 -2.76
CA ALA A 74 -19.31 17.13 -4.00
C ALA A 74 -18.88 15.66 -4.04
N THR A 75 -18.70 15.05 -2.87
CA THR A 75 -18.35 13.63 -2.77
C THR A 75 -19.56 12.69 -2.81
N ASP A 76 -20.71 13.21 -3.25
CA ASP A 76 -21.95 12.44 -3.35
C ASP A 76 -21.74 11.10 -4.05
N ASP A 77 -21.13 11.15 -5.24
CA ASP A 77 -20.87 9.95 -6.04
C ASP A 77 -19.97 8.94 -5.32
N LEU A 78 -18.94 9.45 -4.64
CA LEU A 78 -18.01 8.62 -3.89
C LEU A 78 -18.68 7.99 -2.66
N MET A 79 -19.49 8.78 -1.96
CA MET A 79 -20.23 8.30 -0.80
C MET A 79 -21.27 7.25 -1.19
N GLU A 80 -21.95 7.48 -2.31
CA GLU A 80 -22.95 6.55 -2.83
C GLU A 80 -22.34 5.24 -3.30
N ALA A 81 -21.16 5.33 -3.92
CA ALA A 81 -20.41 4.14 -4.35
C ALA A 81 -19.92 3.34 -3.15
N ALA A 82 -19.38 4.04 -2.15
CA ALA A 82 -18.90 3.42 -0.91
C ALA A 82 -20.03 2.74 -0.14
N ALA A 83 -21.21 3.37 -0.16
CA ALA A 83 -22.41 2.83 0.49
C ALA A 83 -22.92 1.57 -0.21
N LYS A 84 -23.04 1.63 -1.54
CA LYS A 84 -23.45 0.49 -2.36
C LYS A 84 -22.54 -0.72 -2.13
N ARG A 85 -21.27 -0.44 -1.84
CA ARG A 85 -20.25 -1.45 -1.68
C ARG A 85 -20.30 -2.12 -0.31
N PHE A 86 -21.10 -1.53 0.60
CA PHE A 86 -21.13 -1.96 1.99
C PHE A 86 -21.78 -3.32 2.20
N LYS A 87 -22.93 -3.55 1.55
CA LYS A 87 -23.58 -4.86 1.60
C LYS A 87 -22.60 -5.95 1.17
N GLU A 88 -21.91 -5.70 0.06
CA GLU A 88 -20.90 -6.62 -0.46
C GLU A 88 -19.85 -6.94 0.61
N GLN A 89 -19.33 -5.91 1.27
CA GLN A 89 -18.38 -6.06 2.39
C GLN A 89 -18.93 -6.92 3.52
N VAL A 90 -20.19 -6.70 3.88
CA VAL A 90 -20.83 -7.45 4.97
C VAL A 90 -20.89 -8.95 4.66
N SER A 91 -21.23 -9.28 3.42
CA SER A 91 -21.28 -10.68 2.96
C SER A 91 -19.95 -11.43 3.09
N LEU A 92 -18.85 -10.69 3.27
CA LEU A 92 -17.53 -11.29 3.45
C LEU A 92 -17.38 -12.01 4.81
N ALA A 93 -18.33 -11.76 5.72
CA ALA A 93 -18.40 -12.49 6.98
C ALA A 93 -18.89 -13.92 6.75
N ILE A 94 -19.70 -14.10 5.71
CA ILE A 94 -20.30 -15.38 5.37
C ILE A 94 -19.38 -16.19 4.45
N PRO A 95 -18.98 -17.40 4.87
CA PRO A 95 -18.16 -18.28 4.04
C PRO A 95 -18.90 -18.66 2.75
N ARG A 96 -18.15 -18.81 1.66
CA ARG A 96 -18.71 -19.14 0.36
C ARG A 96 -19.43 -20.50 0.41
N GLY A 97 -20.64 -20.55 -0.14
CA GLY A 97 -21.46 -21.76 -0.11
C GLY A 97 -22.50 -21.74 1.01
N SER A 98 -22.17 -21.07 2.11
CA SER A 98 -23.08 -20.93 3.25
C SER A 98 -24.11 -19.84 2.98
N THR A 99 -25.32 -20.04 3.51
CA THR A 99 -26.39 -19.06 3.39
C THR A 99 -26.94 -18.72 4.78
N PRO A 100 -26.97 -17.42 5.12
CA PRO A 100 -27.57 -17.02 6.39
C PRO A 100 -29.08 -17.06 6.32
N LYS A 101 -29.72 -17.28 7.47
CA LYS A 101 -31.18 -17.22 7.54
C LYS A 101 -31.62 -15.77 7.50
N LEU A 102 -32.57 -15.47 6.63
CA LEU A 102 -33.06 -14.11 6.43
C LEU A 102 -34.07 -13.73 7.51
N THR A 103 -33.56 -13.63 8.74
CA THR A 103 -34.34 -13.24 9.91
C THR A 103 -33.47 -12.30 10.73
N GLY A 104 -34.05 -11.71 11.77
CA GLY A 104 -33.30 -10.83 12.65
C GLY A 104 -33.55 -9.36 12.37
N LYS A 105 -32.75 -8.51 13.01
CA LYS A 105 -32.96 -7.06 12.99
C LYS A 105 -32.55 -6.40 11.67
N ALA A 106 -33.13 -5.23 11.42
CA ALA A 106 -32.72 -4.37 10.32
C ALA A 106 -31.62 -3.43 10.80
N VAL A 107 -30.67 -3.13 9.93
CA VAL A 107 -29.57 -2.25 10.29
C VAL A 107 -29.65 -0.95 9.50
N ASP A 108 -29.68 0.16 10.23
CA ASP A 108 -29.64 1.48 9.62
C ASP A 108 -28.23 2.01 9.79
N VAL A 109 -27.56 2.26 8.67
CA VAL A 109 -26.22 2.83 8.69
C VAL A 109 -26.34 4.31 8.32
N TYR A 110 -25.94 5.16 9.25
CA TYR A 110 -26.00 6.61 9.04
C TYR A 110 -24.61 7.15 8.78
N LEU A 111 -24.43 7.76 7.61
CA LEU A 111 -23.14 8.34 7.23
C LEU A 111 -23.15 9.85 7.37
N VAL A 112 -22.31 10.36 8.26
CA VAL A 112 -22.19 11.79 8.51
C VAL A 112 -20.81 12.28 8.08
N ASN A 113 -20.76 12.86 6.89
CA ASN A 113 -19.55 13.47 6.35
C ASN A 113 -19.56 14.96 6.67
N GLU A 114 -18.70 15.35 7.61
CA GLU A 114 -18.66 16.71 8.16
C GLU A 114 -18.29 17.77 7.12
N ASN A 115 -17.48 17.37 6.14
CA ASN A 115 -17.07 18.27 5.05
C ASN A 115 -17.25 17.59 3.69
N PRO A 116 -18.52 17.48 3.23
CA PRO A 116 -18.88 16.64 2.07
C PRO A 116 -18.35 17.07 0.69
N ASN A 117 -17.64 18.19 0.61
CA ASN A 117 -17.04 18.64 -0.65
C ASN A 117 -15.57 18.19 -0.79
N GLU A 118 -14.96 17.81 0.33
CA GLU A 118 -13.53 17.50 0.40
C GLU A 118 -13.22 16.14 -0.23
N LYS A 119 -12.42 16.13 -1.29
CA LYS A 119 -12.05 14.86 -1.93
C LYS A 119 -10.61 14.79 -2.47
N ALA A 120 -9.75 15.71 -2.02
CA ALA A 120 -8.37 15.73 -2.47
C ALA A 120 -7.46 14.93 -1.55
N PHE A 121 -6.55 14.16 -2.15
CA PHE A 121 -5.49 13.53 -1.39
C PHE A 121 -4.47 14.58 -0.99
N SER A 122 -3.98 14.47 0.24
CA SER A 122 -2.93 15.33 0.77
C SER A 122 -2.35 14.70 2.02
N LEU A 123 -1.12 15.05 2.34
CA LEU A 123 -0.48 14.53 3.55
C LEU A 123 -1.16 15.05 4.82
N GLU A 124 -1.96 16.11 4.67
CA GLU A 124 -2.64 16.73 5.80
C GLU A 124 -4.13 16.36 5.90
N MET A 125 -4.60 15.53 4.97
CA MET A 125 -6.01 15.10 4.94
C MET A 125 -6.42 14.41 6.24
N ASP A 126 -7.70 14.54 6.58
CA ASP A 126 -8.22 14.00 7.84
C ASP A 126 -8.87 12.63 7.62
N GLU A 127 -8.21 11.59 8.11
CA GLU A 127 -8.67 10.22 7.95
C GLU A 127 -9.33 9.66 9.22
N SER A 128 -9.67 10.56 10.15
CA SER A 128 -10.32 10.16 11.40
C SER A 128 -11.79 9.88 11.21
N TYR A 129 -12.36 9.09 12.13
CA TYR A 129 -13.79 8.80 12.15
C TYR A 129 -14.24 8.39 13.56
N GLY A 130 -15.54 8.49 13.79
CA GLY A 130 -16.16 7.94 14.99
C GLY A 130 -17.17 6.88 14.57
N LEU A 131 -17.23 5.77 15.29
CA LEU A 131 -18.16 4.71 14.99
C LEU A 131 -18.96 4.32 16.23
N ARG A 132 -20.28 4.41 16.13
CA ARG A 132 -21.18 4.02 17.20
C ARG A 132 -22.24 3.06 16.69
N VAL A 133 -22.40 1.95 17.40
CA VAL A 133 -23.45 0.99 17.11
C VAL A 133 -24.24 0.75 18.40
N SER A 134 -25.57 0.79 18.29
CA SER A 134 -26.45 0.56 19.43
C SER A 134 -27.82 0.10 18.95
N PRO A 135 -28.57 -0.62 19.81
CA PRO A 135 -29.93 -1.01 19.42
C PRO A 135 -30.83 0.19 19.18
N SER A 136 -31.76 0.06 18.25
CA SER A 136 -32.67 1.13 17.89
C SER A 136 -34.09 0.58 17.83
N GLY A 137 -34.91 0.99 18.80
CA GLY A 137 -36.28 0.47 18.91
C GLY A 137 -36.29 -1.00 19.28
N ALA A 138 -37.32 -1.70 18.84
CA ALA A 138 -37.46 -3.12 19.17
C ALA A 138 -36.74 -4.03 18.17
N ASP A 139 -36.72 -3.64 16.90
CA ASP A 139 -36.35 -4.53 15.80
C ASP A 139 -35.27 -4.01 14.85
N ARG A 140 -34.50 -3.01 15.27
CA ARG A 140 -33.42 -2.51 14.41
C ARG A 140 -32.17 -2.03 15.12
N VAL A 141 -31.15 -1.75 14.31
CA VAL A 141 -29.84 -1.32 14.80
C VAL A 141 -29.49 0.04 14.21
N ASN A 142 -28.93 0.90 15.05
CA ASN A 142 -28.42 2.21 14.63
C ASN A 142 -26.90 2.20 14.58
N ALA A 143 -26.35 2.19 13.37
CA ALA A 143 -24.91 2.31 13.16
C ALA A 143 -24.58 3.70 12.60
N THR A 144 -23.90 4.51 13.40
CA THR A 144 -23.59 5.88 12.97
C THR A 144 -22.09 6.13 12.81
N ILE A 145 -21.71 6.49 11.58
CA ILE A 145 -20.33 6.86 11.29
C ILE A 145 -20.25 8.38 11.09
N THR A 146 -19.38 9.02 11.86
CA THR A 146 -19.16 10.45 11.78
C THR A 146 -17.68 10.71 11.48
N ALA A 147 -17.43 11.45 10.40
CA ALA A 147 -16.05 11.76 10.01
C ALA A 147 -15.92 13.14 9.40
N ASN A 148 -14.73 13.72 9.52
CA ASN A 148 -14.43 15.04 8.96
C ASN A 148 -14.32 15.08 7.44
N SER A 149 -14.12 13.92 6.81
CA SER A 149 -14.06 13.83 5.35
C SER A 149 -14.59 12.49 4.83
N PHE A 150 -14.73 12.38 3.51
CA PHE A 150 -15.12 11.13 2.88
C PHE A 150 -14.16 10.00 3.22
N PHE A 151 -12.86 10.31 3.25
CA PHE A 151 -11.82 9.31 3.49
C PHE A 151 -11.95 8.67 4.87
N GLY A 152 -12.12 9.50 5.89
CA GLY A 152 -12.41 9.02 7.24
C GLY A 152 -13.69 8.21 7.30
N MET A 153 -14.70 8.67 6.56
CA MET A 153 -15.99 8.00 6.49
C MET A 153 -15.90 6.60 5.89
N ARG A 154 -15.11 6.43 4.83
CA ARG A 154 -15.01 5.11 4.21
C ARG A 154 -14.12 4.14 5.00
N HIS A 155 -13.14 4.68 5.72
CA HIS A 155 -12.44 3.89 6.74
C HIS A 155 -13.43 3.35 7.78
N GLY A 156 -14.34 4.22 8.24
CA GLY A 156 -15.37 3.84 9.20
C GLY A 156 -16.29 2.75 8.71
N LEU A 157 -16.67 2.83 7.43
CA LEU A 157 -17.45 1.75 6.80
C LEU A 157 -16.66 0.44 6.78
N GLU A 158 -15.34 0.52 6.59
CA GLU A 158 -14.50 -0.67 6.57
C GLU A 158 -14.52 -1.37 7.93
N THR A 159 -14.23 -0.60 8.98
CA THR A 159 -14.29 -1.07 10.37
C THR A 159 -15.65 -1.67 10.71
N LEU A 160 -16.72 -0.98 10.32
CA LEU A 160 -18.07 -1.43 10.59
C LEU A 160 -18.36 -2.81 9.98
N SER A 161 -17.87 -3.04 8.76
CA SER A 161 -18.07 -4.33 8.09
C SER A 161 -17.41 -5.48 8.85
N GLN A 162 -16.32 -5.17 9.57
CA GLN A 162 -15.60 -6.17 10.35
C GLN A 162 -16.34 -6.56 11.65
N LEU A 163 -17.41 -5.84 11.97
CA LEU A 163 -18.20 -6.10 13.19
C LEU A 163 -19.34 -7.09 12.95
N PHE A 164 -19.35 -7.69 11.75
CA PHE A 164 -20.31 -8.74 11.42
C PHE A 164 -19.61 -10.09 11.50
N VAL A 165 -20.32 -11.07 12.06
CA VAL A 165 -19.82 -12.44 12.14
C VAL A 165 -20.87 -13.44 11.71
N PHE A 166 -20.45 -14.46 10.98
CA PHE A 166 -21.35 -15.54 10.62
C PHE A 166 -21.21 -16.67 11.64
N ASP A 167 -22.35 -17.00 12.26
CA ASP A 167 -22.47 -18.14 13.14
C ASP A 167 -22.80 -19.33 12.26
N ASP A 168 -21.80 -20.19 12.03
CA ASP A 168 -21.97 -21.33 11.14
C ASP A 168 -22.52 -22.58 11.85
N ILE A 169 -22.72 -22.46 13.15
CA ILE A 169 -23.43 -23.49 13.92
C ILE A 169 -24.94 -23.34 13.68
N ARG A 170 -25.42 -22.10 13.70
CA ARG A 170 -26.84 -21.79 13.56
C ARG A 170 -27.23 -21.22 12.19
N ASP A 171 -26.22 -20.87 11.38
CA ASP A 171 -26.41 -20.16 10.10
C ASP A 171 -27.07 -18.79 10.29
N HIS A 172 -26.61 -18.05 11.28
CA HIS A 172 -27.09 -16.69 11.54
C HIS A 172 -25.99 -15.68 11.23
N LEU A 173 -26.36 -14.57 10.62
CA LEU A 173 -25.47 -13.44 10.50
C LEU A 173 -25.62 -12.57 11.74
N LEU A 174 -24.50 -12.34 12.41
CA LEU A 174 -24.50 -11.60 13.66
C LEU A 174 -23.72 -10.30 13.51
N MET A 175 -24.00 -9.38 14.44
CA MET A 175 -23.37 -8.07 14.44
C MET A 175 -23.17 -7.66 15.89
N VAL A 176 -22.03 -7.04 16.18
CA VAL A 176 -21.75 -6.56 17.53
C VAL A 176 -22.79 -5.53 17.95
N ARG A 177 -23.38 -5.73 19.13
CA ARG A 177 -24.56 -4.97 19.56
C ARG A 177 -24.23 -3.55 20.01
N ASP A 178 -23.21 -3.42 20.85
CA ASP A 178 -22.88 -2.14 21.45
C ASP A 178 -21.43 -1.77 21.15
N VAL A 179 -21.26 -0.78 20.28
CA VAL A 179 -19.93 -0.37 19.82
C VAL A 179 -19.68 1.12 20.04
N ASN A 180 -18.55 1.43 20.66
CA ASN A 180 -18.02 2.78 20.67
C ASN A 180 -16.55 2.82 20.19
N ILE A 181 -16.35 3.32 18.98
CA ILE A 181 -15.03 3.43 18.38
C ILE A 181 -14.69 4.85 17.94
N SER A 182 -13.49 5.30 18.33
CA SER A 182 -12.89 6.51 17.75
C SER A 182 -11.52 6.12 17.21
N ASP A 183 -11.15 6.65 16.05
CA ASP A 183 -10.01 6.11 15.31
C ASP A 183 -9.42 7.12 14.34
N LYS A 184 -8.10 7.08 14.20
CA LYS A 184 -7.36 7.85 13.21
C LYS A 184 -5.94 7.29 13.05
N PRO A 185 -5.37 7.36 11.83
CA PRO A 185 -4.05 6.77 11.61
C PRO A 185 -2.92 7.58 12.22
N VAL A 186 -1.88 6.89 12.67
CA VAL A 186 -0.66 7.53 13.17
C VAL A 186 0.13 8.19 12.02
N TYR A 187 0.21 7.52 10.86
CA TYR A 187 0.92 8.04 9.68
C TYR A 187 -0.01 8.28 8.49
N PRO A 188 0.17 9.40 7.77
CA PRO A 188 -0.66 9.74 6.61
C PRO A 188 -0.29 8.99 5.31
N TYR A 189 0.93 8.47 5.22
CA TYR A 189 1.36 7.72 4.03
C TYR A 189 1.52 6.24 4.38
N ARG A 190 0.60 5.43 3.85
CA ARG A 190 0.60 4.00 4.14
C ARG A 190 0.48 3.25 2.82
N GLY A 191 1.64 2.83 2.29
CA GLY A 191 1.72 2.45 0.89
C GLY A 191 2.18 1.06 0.51
N ILE A 192 1.97 0.74 -0.76
CA ILE A 192 2.57 -0.42 -1.42
C ILE A 192 3.17 0.07 -2.73
N LEU A 193 4.43 -0.30 -2.97
CA LEU A 193 5.07 -0.07 -4.26
C LEU A 193 4.83 -1.30 -5.14
N LEU A 194 4.25 -1.07 -6.32
CA LEU A 194 4.12 -2.11 -7.34
C LEU A 194 4.96 -1.78 -8.56
N ASP A 195 5.97 -2.59 -8.80
CA ASP A 195 6.83 -2.49 -9.95
C ASP A 195 6.11 -3.24 -11.08
N THR A 196 5.65 -2.51 -12.10
CA THR A 196 4.95 -3.12 -13.24
C THR A 196 5.77 -3.00 -14.53
N ALA A 197 7.09 -2.92 -14.37
CA ALA A 197 8.00 -2.81 -15.49
C ALA A 197 8.93 -4.01 -15.61
N ARG A 198 9.31 -4.57 -14.46
CA ARG A 198 10.13 -5.78 -14.46
C ARG A 198 9.31 -6.98 -14.91
N ASN A 199 8.01 -6.92 -14.62
CA ASN A 199 7.01 -7.82 -15.20
C ASN A 199 5.69 -7.08 -15.28
N TYR A 200 4.81 -7.51 -16.18
CA TYR A 200 3.51 -6.89 -16.37
C TYR A 200 2.48 -7.42 -15.36
N TYR A 201 1.59 -6.54 -14.94
CA TYR A 201 0.50 -6.87 -14.03
C TYR A 201 -0.80 -6.47 -14.70
N SER A 202 -1.74 -7.40 -14.79
CA SER A 202 -3.02 -7.08 -15.43
C SER A 202 -3.70 -5.97 -14.62
N ILE A 203 -4.48 -5.12 -15.29
CA ILE A 203 -5.14 -4.06 -14.55
C ILE A 203 -6.18 -4.64 -13.57
N GLU A 204 -6.77 -5.79 -13.92
CA GLU A 204 -7.62 -6.54 -12.97
C GLU A 204 -6.87 -6.83 -11.67
N SER A 205 -5.63 -7.30 -11.79
CA SER A 205 -4.82 -7.63 -10.60
C SER A 205 -4.47 -6.38 -9.79
N ILE A 206 -4.27 -5.26 -10.48
CA ILE A 206 -4.00 -3.98 -9.82
C ILE A 206 -5.21 -3.48 -9.02
N LYS A 207 -6.41 -3.57 -9.62
CA LYS A 207 -7.66 -3.23 -8.93
C LYS A 207 -7.90 -4.11 -7.70
N ARG A 208 -7.68 -5.41 -7.87
CA ARG A 208 -7.81 -6.38 -6.78
C ARG A 208 -6.87 -6.03 -5.61
N THR A 209 -5.65 -5.61 -5.95
CA THR A 209 -4.67 -5.13 -4.97
C THR A 209 -5.20 -3.92 -4.19
N ILE A 210 -5.80 -2.97 -4.90
CA ILE A 210 -6.42 -1.80 -4.27
C ILE A 210 -7.59 -2.20 -3.34
N GLU A 211 -8.36 -3.21 -3.74
CA GLU A 211 -9.44 -3.74 -2.91
C GLU A 211 -8.96 -4.23 -1.55
N ALA A 212 -7.89 -5.02 -1.57
CA ALA A 212 -7.28 -5.54 -0.34
C ALA A 212 -6.59 -4.46 0.48
N MET A 213 -6.01 -3.46 -0.19
CA MET A 213 -5.40 -2.32 0.49
C MET A 213 -6.45 -1.57 1.32
N ALA A 214 -7.59 -1.29 0.69
CA ALA A 214 -8.70 -0.59 1.34
C ALA A 214 -9.28 -1.36 2.53
N ALA A 215 -9.24 -2.69 2.45
CA ALA A 215 -9.74 -3.56 3.51
C ALA A 215 -8.98 -3.40 4.81
N VAL A 216 -7.70 -3.01 4.72
CA VAL A 216 -6.85 -2.77 5.89
C VAL A 216 -6.38 -1.30 6.00
N LYS A 217 -7.05 -0.42 5.25
CA LYS A 217 -6.89 1.04 5.34
C LYS A 217 -5.55 1.59 4.82
N LEU A 218 -4.87 0.81 3.98
CA LEU A 218 -3.71 1.33 3.25
C LEU A 218 -4.23 2.35 2.25
N ASN A 219 -3.50 3.44 2.06
CA ASN A 219 -4.03 4.56 1.29
C ASN A 219 -3.20 5.03 0.08
N THR A 220 -2.09 4.35 -0.19
CA THR A 220 -1.18 4.79 -1.25
C THR A 220 -0.64 3.65 -2.10
N PHE A 221 -0.95 3.74 -3.38
CA PHE A 221 -0.45 2.80 -4.34
C PHE A 221 0.61 3.51 -5.18
N HIS A 222 1.86 3.12 -4.97
CA HIS A 222 3.02 3.70 -5.61
C HIS A 222 3.31 2.84 -6.85
N TRP A 223 2.97 3.38 -8.01
CA TRP A 223 3.03 2.62 -9.27
C TRP A 223 4.36 2.89 -9.95
N HIS A 224 5.30 1.96 -9.76
CA HIS A 224 6.59 2.04 -10.40
C HIS A 224 6.39 1.49 -11.81
N ILE A 225 5.99 2.38 -12.71
CA ILE A 225 5.42 1.99 -14.01
C ILE A 225 6.45 1.80 -15.14
N THR A 226 7.64 2.37 -15.00
CA THR A 226 8.69 2.20 -16.01
C THR A 226 10.01 1.74 -15.38
N ASP A 227 10.81 1.07 -16.18
CA ASP A 227 12.17 0.75 -15.79
C ASP A 227 12.93 0.36 -17.05
N SER A 228 14.13 -0.17 -16.89
CA SER A 228 14.96 -0.53 -18.03
C SER A 228 14.39 -1.69 -18.83
N GLN A 229 13.64 -2.58 -18.16
CA GLN A 229 13.07 -3.78 -18.79
C GLN A 229 11.85 -3.54 -19.70
N SER A 230 11.06 -2.51 -19.40
CA SER A 230 9.88 -2.20 -20.22
C SER A 230 9.29 -0.83 -19.94
N PHE A 231 8.52 -0.34 -20.90
CA PHE A 231 7.81 0.93 -20.81
C PHE A 231 6.34 0.67 -21.16
N PRO A 232 5.53 0.24 -20.18
CA PRO A 232 4.12 -0.07 -20.48
C PRO A 232 3.20 1.14 -20.41
N PHE A 233 3.69 2.27 -19.90
CA PHE A 233 2.89 3.48 -19.80
C PHE A 233 2.61 4.06 -21.19
N VAL A 234 1.34 4.20 -21.54
CA VAL A 234 0.98 4.77 -22.83
C VAL A 234 1.06 6.29 -22.79
N THR A 235 2.20 6.80 -23.27
CA THR A 235 2.38 8.23 -23.46
C THR A 235 1.96 8.60 -24.89
N THR A 236 0.89 9.37 -24.98
CA THR A 236 0.32 9.82 -26.25
C THR A 236 1.26 10.73 -27.02
N LYS A 237 2.01 11.58 -26.30
CA LYS A 237 2.94 12.53 -26.91
C LYS A 237 4.24 11.90 -27.40
N ARG A 238 4.68 10.84 -26.74
CA ARG A 238 5.88 10.13 -27.17
C ARG A 238 5.58 8.63 -27.36
N PRO A 239 4.70 8.32 -28.35
CA PRO A 239 4.15 6.97 -28.50
C PRO A 239 5.19 5.86 -28.77
N ASN A 240 6.34 6.22 -29.34
CA ASN A 240 7.40 5.23 -29.58
C ASN A 240 7.99 4.61 -28.30
N LEU A 241 7.93 5.36 -27.20
CA LEU A 241 8.41 4.83 -25.92
C LEU A 241 7.68 3.56 -25.51
N TYR A 242 6.35 3.57 -25.57
CA TYR A 242 5.59 2.36 -25.25
C TYR A 242 5.52 1.36 -26.41
N LYS A 243 5.50 1.88 -27.65
CA LYS A 243 5.50 1.01 -28.82
C LYS A 243 6.74 0.11 -28.87
N PHE A 244 7.91 0.70 -28.66
CA PHE A 244 9.15 -0.08 -28.63
C PHE A 244 9.38 -0.71 -27.26
N GLY A 245 8.85 -0.09 -26.22
CA GLY A 245 9.18 -0.44 -24.84
C GLY A 245 8.36 -1.53 -24.18
N ALA A 246 7.12 -1.71 -24.62
CA ALA A 246 6.22 -2.69 -24.00
C ALA A 246 6.67 -4.12 -24.28
N LEU A 247 6.37 -5.02 -23.35
CA LEU A 247 6.72 -6.44 -23.50
C LEU A 247 5.89 -7.06 -24.61
N SER A 248 4.71 -6.51 -24.83
CA SER A 248 3.86 -6.86 -25.96
C SER A 248 2.84 -5.72 -26.14
N PRO A 249 2.14 -5.68 -27.30
CA PRO A 249 1.15 -4.63 -27.55
C PRO A 249 -0.01 -4.62 -26.55
N GLN A 250 -0.31 -5.78 -25.98
CA GLN A 250 -1.40 -5.88 -25.00
C GLN A 250 -0.91 -5.63 -23.57
N LYS A 251 0.40 -5.75 -23.35
CA LYS A 251 1.00 -5.49 -22.03
C LYS A 251 1.34 -4.02 -21.87
N VAL A 252 0.26 -3.24 -21.75
CA VAL A 252 0.31 -1.81 -21.82
C VAL A 252 -0.68 -1.24 -20.81
N TYR A 253 -0.47 -0.01 -20.40
CA TYR A 253 -1.43 0.71 -19.57
C TYR A 253 -1.91 1.95 -20.31
N THR A 254 -3.07 1.83 -20.95
CA THR A 254 -3.68 2.91 -21.72
C THR A 254 -4.18 4.01 -20.78
N LYS A 255 -4.47 5.17 -21.35
CA LYS A 255 -5.07 6.27 -20.59
C LYS A 255 -6.37 5.85 -19.92
N ALA A 256 -7.21 5.14 -20.67
CA ALA A 256 -8.49 4.67 -20.14
C ALA A 256 -8.32 3.68 -18.98
N ALA A 257 -7.34 2.78 -19.09
CA ALA A 257 -7.06 1.83 -18.01
C ALA A 257 -6.55 2.53 -16.75
N ILE A 258 -5.64 3.49 -16.93
CA ILE A 258 -5.09 4.23 -15.79
C ILE A 258 -6.18 5.07 -15.12
N ARG A 259 -7.01 5.76 -15.91
CA ARG A 259 -8.16 6.47 -15.36
C ARG A 259 -9.09 5.55 -14.53
N GLU A 260 -9.29 4.32 -15.02
CA GLU A 260 -10.07 3.32 -14.28
C GLU A 260 -9.45 2.99 -12.93
N VAL A 261 -8.15 2.71 -12.93
CA VAL A 261 -7.42 2.38 -11.69
C VAL A 261 -7.43 3.57 -10.72
N VAL A 262 -7.19 4.76 -11.25
CA VAL A 262 -7.13 5.98 -10.43
C VAL A 262 -8.47 6.28 -9.74
N ARG A 263 -9.57 6.12 -10.49
CA ARG A 263 -10.93 6.29 -9.95
C ARG A 263 -11.28 5.19 -8.95
N PHE A 264 -10.96 3.94 -9.30
CA PHE A 264 -11.14 2.78 -8.42
C PHE A 264 -10.42 3.03 -7.09
N GLY A 265 -9.19 3.56 -7.18
CA GLY A 265 -8.43 3.98 -6.00
C GLY A 265 -9.14 5.05 -5.20
N LEU A 266 -9.58 6.12 -5.88
CA LEU A 266 -10.20 7.26 -5.20
C LEU A 266 -11.42 6.83 -4.38
N GLU A 267 -12.30 6.03 -5.00
CA GLU A 267 -13.49 5.52 -4.33
C GLU A 267 -13.17 4.73 -3.07
N ARG A 268 -11.94 4.23 -2.98
CA ARG A 268 -11.52 3.37 -1.88
C ARG A 268 -10.47 4.01 -0.98
N GLY A 269 -10.27 5.32 -1.13
CA GLY A 269 -9.36 6.08 -0.27
C GLY A 269 -7.89 5.83 -0.57
N VAL A 270 -7.60 5.36 -1.78
CA VAL A 270 -6.23 5.03 -2.18
C VAL A 270 -5.73 6.01 -3.26
N ARG A 271 -4.70 6.78 -2.94
CA ARG A 271 -4.04 7.62 -3.92
C ARG A 271 -3.13 6.78 -4.81
N VAL A 272 -3.22 7.00 -6.12
CA VAL A 272 -2.37 6.29 -7.06
C VAL A 272 -1.26 7.22 -7.49
N LEU A 273 -0.06 6.92 -7.00
CA LEU A 273 1.08 7.80 -7.11
C LEU A 273 2.06 7.24 -8.14
N PRO A 274 2.20 7.92 -9.30
CA PRO A 274 3.06 7.39 -10.35
C PRO A 274 4.53 7.69 -10.09
N GLU A 275 5.40 6.79 -10.53
CA GLU A 275 6.82 7.03 -10.54
C GLU A 275 7.37 6.96 -11.97
N PHE A 276 8.10 8.00 -12.37
CA PHE A 276 9.01 7.85 -13.48
C PHE A 276 10.45 7.84 -12.98
N ASP A 277 11.03 6.65 -12.90
CA ASP A 277 12.39 6.48 -12.41
C ASP A 277 13.40 7.06 -13.41
N ALA A 278 14.23 7.99 -12.94
CA ALA A 278 15.26 8.63 -13.74
C ALA A 278 16.40 9.12 -12.85
N PRO A 279 17.64 9.22 -13.39
CA PRO A 279 18.07 8.97 -14.78
C PRO A 279 18.60 7.55 -15.04
N ALA A 280 18.76 6.75 -14.00
CA ALA A 280 19.01 5.32 -14.20
C ALA A 280 17.67 4.61 -14.40
N HIS A 281 17.71 3.29 -14.55
CA HIS A 281 16.49 2.49 -14.70
C HIS A 281 15.64 2.91 -15.88
N VAL A 282 16.31 3.16 -17.01
CA VAL A 282 15.66 3.41 -18.28
C VAL A 282 16.35 2.50 -19.29
N GLY A 283 15.67 2.19 -20.39
CA GLY A 283 16.26 1.35 -21.42
C GLY A 283 15.31 1.09 -22.56
N GLU A 284 14.49 0.06 -22.42
CA GLU A 284 13.49 -0.28 -23.43
C GLU A 284 12.53 0.87 -23.67
N GLY A 285 12.29 1.14 -24.96
CA GLY A 285 11.45 2.26 -25.37
C GLY A 285 12.23 3.42 -25.95
N TRP A 286 13.46 3.60 -25.46
CA TRP A 286 14.31 4.74 -25.83
C TRP A 286 15.21 4.48 -27.05
N GLN A 287 15.10 3.30 -27.66
CA GLN A 287 15.88 2.95 -28.86
C GLN A 287 15.67 3.97 -29.97
N ASP A 288 16.75 4.31 -30.66
CA ASP A 288 16.74 5.23 -31.82
C ASP A 288 16.59 6.72 -31.46
N THR A 289 16.57 7.04 -30.16
CA THR A 289 16.45 8.43 -29.74
C THR A 289 17.83 9.05 -29.51
N ASP A 290 18.83 8.21 -29.23
CA ASP A 290 20.16 8.64 -28.79
C ASP A 290 20.12 9.43 -27.46
N LEU A 291 19.07 9.18 -26.66
CA LEU A 291 18.89 9.86 -25.37
C LEU A 291 19.28 8.99 -24.18
N THR A 292 19.70 7.76 -24.45
CA THR A 292 20.25 6.89 -23.42
C THR A 292 21.68 6.51 -23.72
N VAL A 293 22.38 6.05 -22.69
CA VAL A 293 23.69 5.42 -22.83
C VAL A 293 23.68 4.09 -22.09
N CYS A 294 24.59 3.20 -22.48
CA CYS A 294 24.79 1.88 -21.84
C CYS A 294 23.64 0.88 -21.94
N PHE A 295 22.62 1.15 -22.73
CA PHE A 295 21.52 0.19 -22.87
C PHE A 295 22.08 -1.15 -23.32
N LYS A 296 21.83 -2.18 -22.51
CA LYS A 296 22.33 -3.54 -22.75
C LYS A 296 23.86 -3.65 -22.76
N ALA A 297 24.52 -2.71 -22.09
CA ALA A 297 25.98 -2.70 -21.97
C ALA A 297 26.51 -3.99 -21.35
N GLU A 298 27.54 -4.56 -21.97
CA GLU A 298 28.17 -5.79 -21.51
C GLU A 298 29.66 -5.58 -21.24
N PRO A 299 30.21 -6.22 -20.18
CA PRO A 299 29.50 -7.01 -19.16
C PRO A 299 28.68 -6.12 -18.23
N TRP A 300 27.43 -6.51 -17.97
CA TRP A 300 26.49 -5.66 -17.23
C TRP A 300 26.96 -5.30 -15.82
N LYS A 301 27.68 -6.21 -15.17
CA LYS A 301 28.17 -5.99 -13.81
C LYS A 301 29.10 -4.78 -13.66
N SER A 302 29.72 -4.37 -14.76
CA SER A 302 30.62 -3.21 -14.75
C SER A 302 29.86 -1.88 -14.87
N TYR A 303 28.60 -1.96 -15.30
CA TYR A 303 27.85 -0.75 -15.66
C TYR A 303 26.53 -0.54 -14.92
N CYS A 304 25.98 -1.58 -14.32
CA CYS A 304 24.72 -1.44 -13.57
C CYS A 304 24.52 -2.49 -12.47
N VAL A 305 23.52 -2.27 -11.63
CA VAL A 305 23.17 -3.17 -10.52
C VAL A 305 22.51 -4.46 -11.04
N GLU A 306 21.74 -4.34 -12.12
CA GLU A 306 21.09 -5.50 -12.72
C GLU A 306 20.83 -5.28 -14.22
N PRO A 307 20.84 -6.37 -15.01
CA PRO A 307 20.57 -6.24 -16.45
C PRO A 307 19.09 -6.00 -16.75
N PRO A 308 18.78 -5.23 -17.82
CA PRO A 308 19.76 -4.55 -18.66
C PRO A 308 20.19 -3.19 -18.11
N CYS A 309 21.44 -2.84 -18.35
CA CYS A 309 21.93 -1.49 -18.04
C CYS A 309 21.25 -0.48 -18.96
N GLY A 310 21.40 0.80 -18.64
CA GLY A 310 20.77 1.87 -19.40
C GLY A 310 20.52 3.08 -18.54
N GLN A 311 20.97 4.24 -19.01
CA GLN A 311 20.78 5.51 -18.30
C GLN A 311 20.49 6.64 -19.27
N LEU A 312 19.77 7.64 -18.80
CA LEU A 312 19.51 8.81 -19.61
C LEU A 312 20.80 9.60 -19.82
N ASN A 313 20.90 10.24 -20.98
CA ASN A 313 22.01 11.16 -21.27
C ASN A 313 21.56 12.59 -20.94
N PRO A 314 22.01 13.12 -19.79
CA PRO A 314 21.53 14.42 -19.31
C PRO A 314 22.04 15.60 -20.15
N THR A 315 23.01 15.35 -21.01
CA THR A 315 23.65 16.41 -21.80
C THR A 315 22.84 16.80 -23.04
N LYS A 316 21.82 16.00 -23.38
CA LYS A 316 21.00 16.29 -24.56
C LYS A 316 19.77 17.10 -24.18
N ASP A 317 19.63 18.27 -24.81
CA ASP A 317 18.52 19.19 -24.53
C ASP A 317 17.17 18.56 -24.86
N GLU A 318 17.12 17.75 -25.92
CA GLU A 318 15.89 17.09 -26.34
C GLU A 318 15.29 16.16 -25.28
N LEU A 319 16.14 15.55 -24.47
CA LEU A 319 15.72 14.71 -23.33
C LEU A 319 14.62 15.36 -22.48
N TYR A 320 14.79 16.64 -22.17
CA TYR A 320 13.86 17.34 -21.27
C TYR A 320 12.54 17.67 -21.97
N GLN A 321 12.56 17.70 -23.29
CA GLN A 321 11.33 17.77 -24.08
C GLN A 321 10.55 16.45 -23.98
N TYR A 322 11.24 15.33 -24.05
CA TYR A 322 10.64 14.00 -23.81
C TYR A 322 10.08 13.90 -22.39
N LEU A 323 10.89 14.29 -21.42
CA LEU A 323 10.52 14.24 -20.01
C LEU A 323 9.27 15.08 -19.72
N GLU A 324 9.28 16.32 -20.21
CA GLU A 324 8.12 17.20 -20.10
C GLU A 324 6.85 16.52 -20.61
N ASP A 325 6.97 15.84 -21.75
CA ASP A 325 5.83 15.16 -22.37
C ASP A 325 5.37 13.95 -21.57
N ILE A 326 6.31 13.12 -21.10
CA ILE A 326 5.99 11.96 -20.27
C ILE A 326 5.29 12.41 -18.98
N TYR A 327 5.89 13.38 -18.30
CA TYR A 327 5.32 13.89 -17.05
C TYR A 327 3.94 14.50 -17.27
N SER A 328 3.74 15.20 -18.38
CA SER A 328 2.44 15.82 -18.68
C SER A 328 1.38 14.78 -18.95
N ASP A 329 1.74 13.73 -19.69
CA ASP A 329 0.85 12.61 -19.94
C ASP A 329 0.51 11.86 -18.65
N MET A 330 1.50 11.69 -17.77
CA MET A 330 1.25 11.10 -16.45
C MET A 330 0.32 11.96 -15.62
N ALA A 331 0.60 13.26 -15.57
CA ALA A 331 -0.22 14.21 -14.81
C ALA A 331 -1.68 14.21 -15.25
N GLU A 332 -1.91 14.04 -16.55
CA GLU A 332 -3.25 14.01 -17.13
C GLU A 332 -4.12 12.87 -16.56
N VAL A 333 -3.56 11.67 -16.48
CA VAL A 333 -4.34 10.50 -16.04
C VAL A 333 -4.20 10.19 -14.54
N PHE A 334 -3.01 10.45 -13.99
CA PHE A 334 -2.80 10.34 -12.55
C PHE A 334 -3.19 11.67 -11.89
N ASP A 335 -4.48 12.00 -11.96
CA ASP A 335 -4.94 13.33 -11.56
C ASP A 335 -5.50 13.41 -10.14
N THR A 336 -5.31 12.37 -9.35
CA THR A 336 -5.62 12.44 -7.92
C THR A 336 -4.37 12.62 -7.07
N THR A 337 -3.20 12.32 -7.64
CA THR A 337 -1.96 12.38 -6.86
C THR A 337 -1.55 13.81 -6.51
N ASP A 338 -1.06 13.96 -5.29
CA ASP A 338 -0.58 15.23 -4.76
C ASP A 338 0.94 15.23 -4.72
N ILE A 339 1.54 14.09 -5.10
CA ILE A 339 2.98 13.86 -4.99
C ILE A 339 3.50 13.14 -6.24
N PHE A 340 4.74 13.41 -6.63
CA PHE A 340 5.34 12.74 -7.78
C PHE A 340 6.64 12.08 -7.36
N HIS A 341 6.80 10.81 -7.71
CA HIS A 341 8.02 10.07 -7.42
C HIS A 341 8.91 10.12 -8.66
N MET A 342 10.15 10.55 -8.47
CA MET A 342 11.09 10.72 -9.59
C MET A 342 12.26 9.74 -9.54
N GLY A 343 12.13 8.74 -8.67
CA GLY A 343 13.10 7.65 -8.59
C GLY A 343 14.43 8.05 -7.99
N GLY A 344 15.43 8.21 -8.86
CA GLY A 344 16.78 8.58 -8.44
C GLY A 344 17.56 7.49 -7.72
N ASP A 345 17.26 6.23 -8.04
CA ASP A 345 18.01 5.13 -7.44
C ASP A 345 19.16 4.64 -8.32
N GLU A 346 20.28 4.33 -7.67
CA GLU A 346 21.37 3.54 -8.26
C GLU A 346 21.97 4.08 -9.58
N VAL A 347 22.37 5.35 -9.58
CA VAL A 347 22.99 5.94 -10.77
C VAL A 347 24.45 5.49 -10.90
N SER A 348 24.80 4.99 -12.08
CA SER A 348 26.13 4.45 -12.35
C SER A 348 27.05 5.52 -12.92
N GLU A 349 28.19 5.72 -12.24
CA GLU A 349 29.21 6.66 -12.70
C GLU A 349 29.96 6.09 -13.90
N ALA A 350 30.27 4.80 -13.83
CA ALA A 350 30.98 4.10 -14.89
C ALA A 350 30.23 4.16 -16.21
N CYS A 351 28.89 4.10 -16.13
CA CYS A 351 28.05 4.17 -17.32
C CYS A 351 28.16 5.53 -18.01
N TRP A 352 28.06 6.60 -17.21
CA TRP A 352 28.18 7.95 -17.74
C TRP A 352 29.59 8.27 -18.27
N ASN A 353 30.60 7.76 -17.58
CA ASN A 353 32.01 7.93 -17.98
C ASN A 353 32.38 7.24 -19.30
N SER A 354 31.61 6.23 -19.68
CA SER A 354 31.87 5.48 -20.91
C SER A 354 31.32 6.17 -22.16
N SER A 355 30.63 7.30 -21.99
CA SER A 355 30.07 8.05 -23.10
C SER A 355 30.95 9.24 -23.50
N ASP A 356 31.24 9.33 -24.80
CA ASP A 356 32.05 10.40 -25.36
C ASP A 356 31.35 11.75 -25.25
N SER A 357 30.10 11.82 -25.69
CA SER A 357 29.31 13.06 -25.63
C SER A 357 29.18 13.60 -24.21
N ILE A 358 29.07 12.70 -23.24
CA ILE A 358 28.99 13.07 -21.83
C ILE A 358 30.33 13.59 -21.30
N GLN A 359 31.41 12.89 -21.64
CA GLN A 359 32.76 13.30 -21.25
C GLN A 359 33.14 14.66 -21.82
N ASN A 360 32.80 14.89 -23.09
CA ASN A 360 33.04 16.18 -23.75
C ASN A 360 32.27 17.34 -23.10
N PHE A 361 31.07 17.04 -22.62
CA PHE A 361 30.22 18.02 -21.93
C PHE A 361 30.83 18.44 -20.59
N MET A 362 31.40 17.47 -19.87
CA MET A 362 31.95 17.71 -18.55
C MET A 362 33.30 18.44 -18.59
N MET A 363 34.14 18.06 -19.54
CA MET A 363 35.46 18.68 -19.73
C MET A 363 35.33 20.14 -20.18
N GLN A 364 34.36 20.40 -21.05
CA GLN A 364 34.11 21.76 -21.55
C GLN A 364 33.46 22.66 -20.48
N ASN A 365 32.73 22.05 -19.55
CA ASN A 365 32.12 22.79 -18.44
C ASN A 365 32.97 22.81 -17.17
N ARG A 366 34.25 22.48 -17.32
CA ARG A 366 35.28 22.59 -16.26
C ARG A 366 35.15 21.54 -15.13
N TRP A 367 34.36 20.49 -15.35
CA TRP A 367 34.25 19.41 -14.38
C TRP A 367 35.24 18.30 -14.71
N ASP A 368 35.75 17.62 -13.68
CA ASP A 368 36.66 16.49 -13.85
C ASP A 368 35.90 15.23 -14.27
N LEU A 369 36.60 14.10 -14.32
CA LEU A 369 35.99 12.81 -14.64
C LEU A 369 36.05 11.85 -13.45
N ASP A 370 36.18 12.42 -12.25
CA ASP A 370 36.20 11.63 -11.02
C ASP A 370 34.78 11.42 -10.48
N LYS A 371 34.68 10.58 -9.44
CA LYS A 371 33.39 10.12 -8.93
C LYS A 371 32.43 11.22 -8.46
N GLU A 372 32.98 12.30 -7.91
CA GLU A 372 32.15 13.38 -7.36
C GLU A 372 31.66 14.38 -8.41
N SER A 373 32.32 14.41 -9.57
CA SER A 373 31.92 15.33 -10.64
C SER A 373 30.67 14.84 -11.37
N PHE A 374 30.44 13.53 -11.33
CA PHE A 374 29.23 12.95 -11.91
C PHE A 374 27.99 13.27 -11.07
N LEU A 375 28.24 13.59 -9.80
CA LEU A 375 27.19 14.07 -8.90
C LEU A 375 26.70 15.47 -9.30
N LYS A 376 27.59 16.23 -9.94
CA LYS A 376 27.24 17.54 -10.49
C LYS A 376 26.33 17.36 -11.70
N LEU A 377 26.66 16.37 -12.53
CA LEU A 377 25.85 16.02 -13.70
C LEU A 377 24.47 15.53 -13.28
N TRP A 378 24.41 14.72 -12.23
CA TRP A 378 23.16 14.22 -11.67
C TRP A 378 22.29 15.39 -11.19
N ASN A 379 22.89 16.31 -10.43
CA ASN A 379 22.17 17.51 -9.98
C ASN A 379 21.64 18.32 -11.17
N TYR A 380 22.50 18.51 -12.17
CA TYR A 380 22.12 19.19 -13.41
C TYR A 380 20.88 18.53 -14.02
N PHE A 381 20.90 17.20 -14.13
CA PHE A 381 19.74 16.46 -14.62
C PHE A 381 18.49 16.68 -13.77
N GLN A 382 18.62 16.43 -12.47
CA GLN A 382 17.48 16.45 -11.56
C GLN A 382 16.79 17.81 -11.50
N GLN A 383 17.59 18.87 -11.50
CA GLN A 383 17.06 20.25 -11.51
C GLN A 383 16.20 20.53 -12.74
N LYS A 384 16.68 20.13 -13.91
CA LYS A 384 15.95 20.32 -15.15
C LYS A 384 14.73 19.42 -15.23
N ALA A 385 14.87 18.17 -14.80
CA ALA A 385 13.75 17.23 -14.73
C ALA A 385 12.67 17.74 -13.78
N GLN A 386 13.10 18.22 -12.61
CA GLN A 386 12.23 18.82 -11.62
C GLN A 386 11.38 19.96 -12.20
N ASP A 387 12.04 20.85 -12.95
CA ASP A 387 11.36 21.97 -13.62
C ASP A 387 10.23 21.49 -14.52
N LYS A 388 10.52 20.46 -15.32
CA LYS A 388 9.52 19.85 -16.20
C LYS A 388 8.37 19.21 -15.43
N ALA A 389 8.69 18.56 -14.30
CA ALA A 389 7.67 17.96 -13.44
C ALA A 389 6.66 18.99 -12.93
N TYR A 390 7.16 20.11 -12.42
CA TYR A 390 6.30 21.20 -11.94
C TYR A 390 5.42 21.76 -13.07
N LYS A 391 6.01 21.91 -14.24
CA LYS A 391 5.29 22.38 -15.43
C LYS A 391 4.18 21.40 -15.80
N ALA A 392 4.49 20.11 -15.73
CA ALA A 392 3.53 19.06 -16.08
C ALA A 392 2.31 19.05 -15.16
N PHE A 393 2.55 19.10 -13.85
CA PHE A 393 1.47 19.06 -12.88
C PHE A 393 0.84 20.44 -12.64
N GLY A 394 1.42 21.47 -13.26
CA GLY A 394 0.88 22.82 -13.22
C GLY A 394 1.04 23.53 -11.88
N LYS A 395 1.95 23.00 -11.06
CA LYS A 395 2.19 23.52 -9.71
C LYS A 395 3.45 22.89 -9.13
N LYS A 396 4.00 23.53 -8.11
CA LYS A 396 5.02 22.89 -7.29
C LYS A 396 4.30 21.85 -6.43
N LEU A 397 4.82 20.63 -6.43
CA LEU A 397 4.29 19.57 -5.58
C LEU A 397 5.45 18.79 -4.99
N PRO A 398 5.24 18.13 -3.83
CA PRO A 398 6.32 17.35 -3.25
C PRO A 398 6.82 16.27 -4.21
N LEU A 399 8.15 16.09 -4.25
CA LEU A 399 8.77 15.07 -5.08
C LEU A 399 9.49 14.06 -4.20
N ILE A 400 9.48 12.79 -4.63
CA ILE A 400 10.16 11.74 -3.89
C ILE A 400 11.36 11.22 -4.67
N LEU A 401 12.46 11.04 -3.95
CA LEU A 401 13.65 10.35 -4.45
C LEU A 401 14.03 9.25 -3.47
N TRP A 402 14.61 8.16 -3.98
CA TRP A 402 15.15 7.10 -3.13
C TRP A 402 16.43 7.57 -2.46
N THR A 403 16.80 6.91 -1.35
CA THR A 403 18.13 7.07 -0.77
C THR A 403 19.15 6.55 -1.77
N SER A 404 20.23 7.32 -1.93
CA SER A 404 21.25 7.06 -2.95
C SER A 404 22.50 7.87 -2.63
N THR A 405 23.47 7.83 -3.54
CA THR A 405 24.67 8.67 -3.44
C THR A 405 24.30 10.15 -3.41
N LEU A 406 23.27 10.52 -4.18
CA LEU A 406 22.79 11.89 -4.25
C LEU A 406 22.21 12.39 -2.93
N THR A 407 21.49 11.50 -2.24
CA THR A 407 20.74 11.89 -1.05
C THR A 407 21.50 11.65 0.25
N ASN A 408 22.75 11.22 0.16
CA ASN A 408 23.66 11.16 1.30
C ASN A 408 23.51 12.45 2.10
N TYR A 409 23.15 12.32 3.38
CA TYR A 409 22.80 13.47 4.22
C TYR A 409 23.94 14.50 4.30
N LYS A 410 25.18 14.03 4.22
CA LYS A 410 26.36 14.88 4.29
C LYS A 410 26.39 15.97 3.22
N HIS A 411 25.91 15.67 2.02
CA HIS A 411 25.89 16.65 0.94
C HIS A 411 24.53 16.94 0.30
N ILE A 412 23.47 16.31 0.81
CA ILE A 412 22.14 16.43 0.22
C ILE A 412 21.65 17.87 0.02
N ASP A 413 22.00 18.75 0.96
CA ASP A 413 21.57 20.15 0.92
C ASP A 413 22.23 20.95 -0.22
N ASP A 414 23.32 20.43 -0.77
CA ASP A 414 23.94 21.03 -1.94
C ASP A 414 23.06 20.87 -3.18
N TYR A 415 22.22 19.83 -3.17
CA TYR A 415 21.46 19.43 -4.35
C TYR A 415 19.95 19.59 -4.18
N LEU A 416 19.45 19.20 -3.01
CA LEU A 416 18.02 19.18 -2.73
C LEU A 416 17.68 20.11 -1.56
N ASN A 417 16.39 20.26 -1.28
CA ASN A 417 15.94 20.86 -0.02
C ASN A 417 14.81 20.06 0.60
N LYS A 418 14.66 20.17 1.92
CA LYS A 418 13.71 19.35 2.68
C LYS A 418 12.24 19.66 2.40
N ASP A 419 11.96 20.87 1.92
CA ASP A 419 10.59 21.25 1.60
C ASP A 419 10.10 20.68 0.28
N ASP A 420 11.02 20.50 -0.67
CA ASP A 420 10.66 20.10 -2.02
C ASP A 420 10.79 18.59 -2.24
N TYR A 421 11.64 17.95 -1.43
CA TYR A 421 11.95 16.53 -1.63
C TYR A 421 11.70 15.67 -0.40
N ILE A 422 10.88 14.64 -0.60
CA ILE A 422 10.68 13.57 0.37
C ILE A 422 11.63 12.43 0.00
N ILE A 423 12.25 11.82 1.00
CA ILE A 423 13.20 10.76 0.75
C ILE A 423 12.62 9.40 1.12
N GLN A 424 12.62 8.47 0.16
CA GLN A 424 12.17 7.11 0.41
C GLN A 424 13.37 6.27 0.79
N VAL A 425 13.33 5.74 2.01
CA VAL A 425 14.48 5.06 2.60
C VAL A 425 14.40 3.56 2.37
N TRP A 426 15.41 2.99 1.73
N TRP A 426 15.42 3.00 1.74
CA TRP A 426 15.48 1.55 1.59
CA TRP A 426 15.52 1.57 1.50
C TRP A 426 16.83 0.99 2.07
C TRP A 426 16.61 0.90 2.34
N THR A 427 17.42 1.70 3.02
CA THR A 427 18.55 1.19 3.82
C THR A 427 17.99 0.38 5.00
N THR A 428 18.83 -0.31 5.75
CA THR A 428 18.37 -0.98 6.98
C THR A 428 17.82 0.07 7.94
N GLY A 429 16.92 -0.33 8.83
CA GLY A 429 16.34 0.60 9.81
C GLY A 429 17.34 1.13 10.83
N VAL A 430 18.58 0.67 10.73
CA VAL A 430 19.64 1.02 11.67
C VAL A 430 20.77 1.82 10.99
N ASP A 431 20.68 1.98 9.67
CA ASP A 431 21.67 2.72 8.88
C ASP A 431 21.78 4.18 9.35
N PRO A 432 23.04 4.66 9.55
CA PRO A 432 23.31 6.05 9.98
C PRO A 432 22.68 7.14 9.11
N GLN A 433 22.37 6.82 7.85
CA GLN A 433 21.75 7.78 6.92
C GLN A 433 20.40 8.30 7.40
N ILE A 434 19.64 7.45 8.10
CA ILE A 434 18.30 7.82 8.56
C ILE A 434 18.34 8.98 9.56
N LYS A 435 19.15 8.84 10.61
CA LYS A 435 19.27 9.88 11.64
C LYS A 435 19.85 11.17 11.04
N GLY A 436 20.88 11.02 10.21
CA GLY A 436 21.51 12.15 9.55
C GLY A 436 20.54 12.97 8.71
N LEU A 437 19.66 12.28 7.98
CA LEU A 437 18.63 12.93 7.17
C LEU A 437 17.58 13.60 8.02
N LEU A 438 17.17 12.94 9.10
CA LEU A 438 16.15 13.47 9.99
C LEU A 438 16.65 14.72 10.72
N GLU A 439 17.92 14.72 11.09
CA GLU A 439 18.53 15.88 11.75
C GLU A 439 18.67 17.08 10.82
N LYS A 440 18.70 16.83 9.51
CA LYS A 440 18.67 17.89 8.51
C LYS A 440 17.26 18.31 8.08
N GLY A 441 16.26 17.78 8.77
CA GLY A 441 14.87 18.20 8.58
C GLY A 441 14.09 17.46 7.50
N TYR A 442 14.70 16.44 6.91
CA TYR A 442 14.07 15.70 5.81
C TYR A 442 12.92 14.79 6.24
N ARG A 443 11.92 14.68 5.38
CA ARG A 443 10.77 13.84 5.60
C ARG A 443 10.99 12.51 4.91
N LEU A 444 10.59 11.43 5.58
CA LEU A 444 10.93 10.09 5.11
C LEU A 444 9.71 9.19 4.87
N ILE A 445 9.84 8.32 3.87
CA ILE A 445 8.95 7.18 3.70
C ILE A 445 9.80 5.96 3.94
N MET A 446 9.41 5.15 4.92
CA MET A 446 10.19 4.01 5.34
C MET A 446 9.90 2.76 4.52
N SER A 447 10.93 2.27 3.83
CA SER A 447 10.84 1.02 3.09
C SER A 447 12.12 0.23 3.34
N ASN A 448 12.57 0.19 4.59
CA ASN A 448 13.85 -0.46 4.90
C ASN A 448 13.85 -1.91 4.45
N TYR A 449 14.87 -2.29 3.69
CA TYR A 449 14.85 -3.53 2.91
C TYR A 449 14.89 -4.79 3.76
N ASP A 450 15.34 -4.66 5.01
CA ASP A 450 15.44 -5.80 5.90
C ASP A 450 14.09 -6.18 6.51
N ALA A 451 13.09 -5.32 6.31
CA ALA A 451 11.77 -5.57 6.87
C ALA A 451 10.63 -5.34 5.89
N LEU A 452 10.89 -4.56 4.83
CA LEU A 452 9.81 -4.09 3.96
C LEU A 452 9.97 -4.43 2.46
N TYR A 453 10.97 -5.24 2.15
CA TYR A 453 11.16 -5.70 0.77
C TYR A 453 10.51 -7.06 0.56
N PHE A 454 9.36 -7.05 -0.10
CA PHE A 454 8.49 -8.22 -0.18
C PHE A 454 8.90 -9.19 -1.28
N ASP A 455 9.91 -8.79 -2.05
CA ASP A 455 10.47 -9.63 -3.10
C ASP A 455 11.53 -10.60 -2.61
N CYS A 456 12.13 -10.31 -1.44
CA CYS A 456 13.25 -11.10 -0.89
C CYS A 456 12.89 -12.55 -0.57
N GLY A 457 13.88 -13.43 -0.74
CA GLY A 457 13.77 -14.79 -0.23
C GLY A 457 13.72 -15.91 -1.25
N TYR A 458 13.33 -15.58 -2.48
CA TYR A 458 13.14 -16.58 -3.52
C TYR A 458 14.45 -16.97 -4.18
N GLY A 459 14.40 -17.82 -5.21
CA GLY A 459 15.61 -18.26 -5.91
C GLY A 459 16.29 -17.08 -6.56
N ALA A 460 17.56 -17.25 -6.95
CA ALA A 460 18.24 -16.25 -7.75
C ALA A 460 17.56 -16.16 -9.12
N TRP A 461 17.50 -14.95 -9.68
CA TRP A 461 17.03 -14.78 -11.06
C TRP A 461 18.19 -14.55 -12.05
N VAL A 462 19.38 -14.26 -11.52
CA VAL A 462 20.63 -14.37 -12.27
C VAL A 462 21.54 -15.33 -11.52
N GLY A 463 22.04 -16.35 -12.23
CA GLY A 463 22.83 -17.40 -11.59
C GLY A 463 21.96 -18.27 -10.68
N ALA A 464 22.57 -18.82 -9.63
CA ALA A 464 21.89 -19.74 -8.72
C ALA A 464 21.94 -19.26 -7.28
N GLY A 465 21.31 -20.02 -6.38
CA GLY A 465 21.19 -19.62 -4.98
C GLY A 465 19.87 -18.90 -4.75
N ASN A 466 19.92 -17.85 -3.94
CA ASN A 466 18.73 -17.06 -3.61
C ASN A 466 18.91 -15.61 -4.01
N ASN A 467 17.80 -14.86 -4.13
CA ASN A 467 17.90 -13.45 -4.52
C ASN A 467 18.59 -12.58 -3.47
N TRP A 468 19.00 -11.38 -3.87
CA TRP A 468 19.98 -10.56 -3.12
C TRP A 468 19.64 -10.27 -1.65
N CYS A 469 18.36 -10.04 -1.37
CA CYS A 469 17.96 -9.60 -0.04
C CYS A 469 17.31 -10.70 0.82
N SER A 470 17.44 -11.94 0.39
CA SER A 470 17.07 -13.12 1.20
C SER A 470 17.69 -13.01 2.59
N PRO A 471 17.03 -13.58 3.62
CA PRO A 471 15.85 -14.46 3.60
C PRO A 471 14.51 -13.75 3.38
N TYR A 472 13.47 -14.56 3.17
CA TYR A 472 12.09 -14.11 3.06
C TYR A 472 11.68 -13.46 4.39
N ILE A 473 11.03 -12.31 4.28
CA ILE A 473 10.63 -11.54 5.45
C ILE A 473 9.22 -11.98 5.86
N GLY A 474 9.13 -12.63 7.02
CA GLY A 474 7.83 -13.03 7.58
C GLY A 474 7.05 -11.82 8.08
N TRP A 475 5.72 -11.97 8.18
CA TRP A 475 4.85 -10.89 8.66
C TRP A 475 5.25 -10.40 10.05
N GLN A 476 5.80 -11.31 10.86
CA GLN A 476 6.23 -11.00 12.22
C GLN A 476 7.27 -9.88 12.21
N LYS A 477 8.21 -9.97 11.26
CA LYS A 477 9.25 -8.97 11.10
C LYS A 477 8.74 -7.64 10.56
N VAL A 478 7.84 -7.68 9.57
CA VAL A 478 7.26 -6.44 9.07
C VAL A 478 6.37 -5.76 10.11
N TYR A 479 5.71 -6.55 10.95
CA TYR A 479 4.89 -6.01 12.04
C TYR A 479 5.74 -5.27 13.08
N ASP A 480 6.86 -5.87 13.48
CA ASP A 480 7.69 -5.32 14.56
C ASP A 480 8.56 -4.14 14.12
N ASN A 481 8.73 -3.97 12.81
CA ASN A 481 9.49 -2.86 12.25
C ASN A 481 8.75 -1.54 12.49
N SER A 482 9.26 -0.74 13.43
CA SER A 482 8.58 0.47 13.86
C SER A 482 9.32 1.74 13.43
N PRO A 483 8.67 2.58 12.59
CA PRO A 483 9.22 3.88 12.22
C PRO A 483 9.43 4.80 13.43
N ALA A 484 8.56 4.68 14.44
CA ALA A 484 8.70 5.46 15.69
C ALA A 484 10.01 5.12 16.40
N VAL A 485 10.39 3.84 16.38
CA VAL A 485 11.66 3.39 16.96
C VAL A 485 12.84 3.86 16.11
N ILE A 486 12.71 3.71 14.79
CA ILE A 486 13.76 4.11 13.85
C ILE A 486 14.07 5.62 13.89
N ALA A 487 13.04 6.44 14.06
CA ALA A 487 13.16 7.89 13.96
C ALA A 487 13.21 8.63 15.29
N LEU A 488 12.73 7.98 16.35
CA LEU A 488 12.69 8.55 17.70
C LEU A 488 12.00 9.92 17.79
N GLU A 489 12.73 10.93 18.26
CA GLU A 489 12.17 12.26 18.46
C GLU A 489 11.76 12.98 17.17
N HIS A 490 12.33 12.53 16.05
CA HIS A 490 12.04 13.12 14.74
C HIS A 490 10.91 12.40 13.98
N ARG A 491 10.13 11.60 14.71
CA ARG A 491 9.10 10.74 14.10
C ARG A 491 7.98 11.46 13.33
N ASP A 492 7.72 12.73 13.63
CA ASP A 492 6.71 13.48 12.87
C ASP A 492 7.18 13.73 11.43
N GLN A 493 8.49 13.68 11.22
CA GLN A 493 9.07 13.79 9.88
C GLN A 493 8.92 12.50 9.07
N VAL A 494 8.64 11.38 9.74
CA VAL A 494 8.32 10.15 9.03
C VAL A 494 6.87 10.27 8.56
N LEU A 495 6.70 10.30 7.24
CA LEU A 495 5.36 10.41 6.66
C LEU A 495 4.64 9.06 6.73
N GLY A 496 5.42 7.99 6.85
CA GLY A 496 4.88 6.65 6.98
C GLY A 496 5.83 5.63 6.41
N GLY A 497 5.27 4.57 5.84
CA GLY A 497 6.06 3.49 5.26
C GLY A 497 5.43 2.89 4.03
N GLU A 498 6.19 2.02 3.36
CA GLU A 498 5.75 1.41 2.12
C GLU A 498 6.40 0.05 1.92
N ALA A 499 5.57 -0.96 1.70
CA ALA A 499 6.03 -2.29 1.36
C ALA A 499 6.38 -2.29 -0.12
N ALA A 500 7.56 -2.79 -0.47
CA ALA A 500 8.04 -2.74 -1.84
C ALA A 500 7.94 -4.10 -2.52
N LEU A 501 7.11 -4.18 -3.56
CA LEU A 501 7.09 -5.37 -4.39
C LEU A 501 7.79 -5.08 -5.72
N TRP A 502 9.09 -5.30 -5.73
CA TRP A 502 9.86 -5.31 -6.95
C TRP A 502 9.51 -6.59 -7.70
N SER A 503 9.59 -6.54 -9.03
CA SER A 503 8.92 -7.56 -9.82
C SER A 503 9.81 -8.34 -10.77
N GLU A 504 11.10 -8.42 -10.44
CA GLU A 504 12.00 -9.30 -11.18
C GLU A 504 11.48 -10.73 -11.12
N GLN A 505 10.81 -11.06 -10.02
CA GLN A 505 10.26 -12.40 -9.77
C GLN A 505 8.82 -12.36 -9.28
N SER A 506 8.04 -11.45 -9.83
CA SER A 506 6.62 -11.33 -9.51
C SER A 506 5.84 -10.73 -10.67
N ASP A 507 4.62 -11.22 -10.89
CA ASP A 507 3.72 -10.66 -11.89
C ASP A 507 2.27 -10.86 -11.48
N THR A 508 1.35 -10.78 -12.44
CA THR A 508 -0.08 -11.01 -12.22
C THR A 508 -0.36 -12.25 -11.35
N SER A 509 0.32 -13.35 -11.65
CA SER A 509 0.10 -14.63 -11.00
C SER A 509 0.47 -14.69 -9.52
N THR A 510 1.41 -13.86 -9.10
CA THR A 510 2.03 -13.98 -7.77
C THR A 510 1.77 -12.81 -6.84
N LEU A 511 1.09 -11.78 -7.32
CA LEU A 511 1.03 -10.59 -6.50
C LEU A 511 0.13 -10.72 -5.26
N ASP A 512 -0.92 -11.53 -5.35
CA ASP A 512 -1.75 -11.79 -4.16
C ASP A 512 -0.92 -12.40 -3.04
N GLY A 513 -0.10 -13.40 -3.38
CA GLY A 513 0.75 -14.06 -2.38
C GLY A 513 1.87 -13.17 -1.86
N ARG A 514 2.48 -12.41 -2.75
CA ARG A 514 3.57 -11.50 -2.38
C ARG A 514 3.13 -10.45 -1.36
N LEU A 515 1.95 -9.88 -1.59
CA LEU A 515 1.48 -8.76 -0.78
C LEU A 515 0.68 -9.17 0.46
N TRP A 516 -0.08 -10.25 0.34
CA TRP A 516 -1.06 -10.59 1.39
C TRP A 516 -0.77 -11.95 2.02
N PRO A 517 -0.84 -12.02 3.37
CA PRO A 517 -1.30 -10.95 4.26
C PRO A 517 -0.21 -10.05 4.87
N ARG A 518 1.03 -10.15 4.38
CA ARG A 518 2.14 -9.36 4.94
C ARG A 518 1.93 -7.85 4.96
N ALA A 519 1.32 -7.30 3.91
CA ALA A 519 1.06 -5.86 3.85
C ALA A 519 0.04 -5.40 4.89
N ALA A 520 -0.78 -6.32 5.39
CA ALA A 520 -1.67 -6.04 6.53
C ALA A 520 -0.89 -5.77 7.82
N ALA A 521 0.28 -6.42 7.99
CA ALA A 521 1.14 -6.16 9.15
C ALA A 521 1.68 -4.73 9.12
N LEU A 522 2.06 -4.28 7.93
CA LEU A 522 2.46 -2.90 7.73
C LEU A 522 1.27 -1.97 7.99
N ALA A 523 0.10 -2.37 7.50
CA ALA A 523 -1.12 -1.57 7.67
C ALA A 523 -1.45 -1.24 9.12
N GLU A 524 -1.28 -2.22 10.01
CA GLU A 524 -1.53 -1.97 11.44
C GLU A 524 -0.40 -1.17 12.08
N ARG A 525 0.84 -1.52 11.75
CA ARG A 525 2.00 -0.78 12.23
C ARG A 525 1.87 0.72 11.91
N LEU A 526 1.46 1.03 10.68
CA LEU A 526 1.35 2.43 10.26
C LEU A 526 0.08 3.10 10.74
N TRP A 527 -1.00 2.33 10.88
CA TRP A 527 -2.26 2.89 11.37
C TRP A 527 -2.23 3.17 12.87
N ALA A 528 -1.71 2.21 13.64
CA ALA A 528 -1.83 2.24 15.10
C ALA A 528 -0.52 2.43 15.85
N GLU A 529 0.61 2.17 15.19
CA GLU A 529 1.92 2.11 15.85
C GLU A 529 1.83 1.49 17.24
N PRO A 530 1.46 0.20 17.34
CA PRO A 530 1.29 -0.44 18.64
C PRO A 530 2.60 -0.56 19.40
N ALA A 531 2.54 -0.37 20.72
CA ALA A 531 3.69 -0.60 21.59
C ALA A 531 3.91 -2.10 21.77
N THR A 532 2.83 -2.86 21.58
CA THR A 532 2.88 -4.32 21.64
C THR A 532 3.52 -4.92 20.38
N SER A 533 3.93 -6.18 20.48
CA SER A 533 4.65 -6.86 19.42
C SER A 533 3.73 -7.77 18.60
N TRP A 534 4.32 -8.52 17.67
CA TRP A 534 3.56 -9.36 16.75
C TRP A 534 2.72 -10.44 17.45
N GLN A 535 3.27 -11.04 18.53
CA GLN A 535 2.54 -12.10 19.25
C GLN A 535 1.18 -11.64 19.75
N ASP A 536 1.07 -10.36 20.09
CA ASP A 536 -0.18 -9.79 20.59
C ASP A 536 -1.20 -9.53 19.47
N ALA A 537 -0.73 -9.56 18.22
CA ALA A 537 -1.58 -9.39 17.06
C ALA A 537 -1.79 -10.69 16.27
N GLU A 538 -1.08 -11.74 16.67
CA GLU A 538 -1.07 -13.02 15.95
C GLU A 538 -2.45 -13.57 15.58
N TYR A 539 -3.34 -13.66 16.57
CA TYR A 539 -4.68 -14.22 16.37
C TYR A 539 -5.50 -13.41 15.37
N ARG A 540 -5.45 -12.09 15.49
CA ARG A 540 -6.18 -11.20 14.58
C ARG A 540 -5.59 -11.23 13.17
N MET A 541 -4.28 -11.45 13.07
CA MET A 541 -3.61 -11.58 11.78
C MET A 541 -4.06 -12.86 11.07
N LEU A 542 -4.20 -13.94 11.81
CA LEU A 542 -4.71 -15.17 11.23
C LEU A 542 -6.13 -14.99 10.69
N HIS A 543 -6.94 -14.20 11.39
CA HIS A 543 -8.30 -13.91 10.90
C HIS A 543 -8.31 -13.04 9.64
N ILE A 544 -7.53 -11.96 9.63
CA ILE A 544 -7.52 -11.08 8.45
C ILE A 544 -7.05 -11.82 7.18
N ARG A 545 -6.12 -12.77 7.35
CA ARG A 545 -5.73 -13.66 6.26
C ARG A 545 -6.95 -14.37 5.68
N GLU A 546 -7.77 -14.96 6.55
CA GLU A 546 -9.00 -15.65 6.10
C GLU A 546 -9.97 -14.71 5.39
N ARG A 547 -10.05 -13.46 5.86
CA ARG A 547 -10.92 -12.45 5.25
C ARG A 547 -10.47 -12.09 3.83
N LEU A 548 -9.16 -11.95 3.63
CA LEU A 548 -8.60 -11.72 2.30
C LEU A 548 -8.96 -12.87 1.35
N VAL A 549 -8.86 -14.10 1.85
CA VAL A 549 -9.20 -15.28 1.04
C VAL A 549 -10.68 -15.27 0.64
N ARG A 550 -11.55 -14.91 1.58
CA ARG A 550 -12.97 -14.74 1.28
C ARG A 550 -13.23 -13.65 0.23
N MET A 551 -12.39 -12.62 0.21
CA MET A 551 -12.45 -11.57 -0.82
C MET A 551 -12.04 -12.05 -2.20
N GLY A 552 -11.44 -13.24 -2.28
CA GLY A 552 -10.94 -13.77 -3.54
C GLY A 552 -9.46 -13.52 -3.75
N ILE A 553 -8.79 -13.02 -2.72
CA ILE A 553 -7.35 -12.81 -2.73
C ILE A 553 -6.63 -14.13 -2.43
N GLN A 554 -5.67 -14.49 -3.27
CA GLN A 554 -4.87 -15.71 -3.07
C GLN A 554 -3.75 -15.45 -2.07
N ALA A 555 -4.13 -15.14 -0.84
CA ALA A 555 -3.20 -14.74 0.21
C ALA A 555 -2.32 -15.90 0.63
N GLU A 556 -1.09 -15.58 1.00
CA GLU A 556 -0.19 -16.54 1.61
C GLU A 556 -0.82 -17.19 2.84
N SER A 557 -0.47 -18.45 3.07
CA SER A 557 -0.88 -19.16 4.26
C SER A 557 0.18 -18.99 5.32
N LEU A 558 -0.26 -18.68 6.54
CA LEU A 558 0.66 -18.39 7.65
C LEU A 558 0.87 -19.58 8.57
N GLN A 559 -0.20 -20.30 8.86
CA GLN A 559 -0.21 -21.35 9.88
C GLN A 559 -1.26 -22.38 9.50
N PRO A 560 -1.14 -23.61 10.03
CA PRO A 560 -2.24 -24.54 9.85
C PRO A 560 -3.51 -23.93 10.41
N GLU A 561 -4.63 -24.15 9.70
CA GLU A 561 -5.93 -23.66 10.16
C GLU A 561 -6.26 -24.23 11.54
N TRP A 562 -5.70 -25.40 11.85
CA TRP A 562 -5.81 -25.99 13.19
C TRP A 562 -5.37 -25.01 14.27
N CYS A 563 -4.32 -24.23 13.99
CA CYS A 563 -3.81 -23.25 14.96
C CYS A 563 -4.82 -22.13 15.19
N TYR A 564 -5.47 -21.69 14.11
CA TYR A 564 -6.53 -20.68 14.15
C TYR A 564 -7.73 -21.14 14.98
N GLN A 565 -8.06 -22.43 14.86
CA GLN A 565 -9.15 -23.05 15.61
C GLN A 565 -8.76 -23.44 17.04
N ASN A 566 -7.47 -23.43 17.33
CA ASN A 566 -6.95 -23.90 18.61
C ASN A 566 -5.89 -22.97 19.18
N GLU A 567 -6.29 -21.75 19.47
CA GLU A 567 -5.40 -20.70 19.97
C GLU A 567 -4.60 -21.12 21.21
N GLY A 568 -3.29 -20.84 21.17
CA GLY A 568 -2.40 -21.14 22.29
C GLY A 568 -1.56 -22.39 22.11
N TYR A 569 -2.05 -23.32 21.29
CA TYR A 569 -1.38 -24.61 21.10
C TYR A 569 -0.21 -24.55 20.11
N CYS A 570 -0.20 -23.53 19.26
CA CYS A 570 0.89 -23.33 18.29
C CYS A 570 1.74 -22.15 18.71
N TYR A 571 2.90 -22.44 19.31
CA TYR A 571 3.78 -21.40 19.86
C TYR A 571 5.21 -21.90 19.86
N SER A 572 6.17 -20.97 19.90
CA SER A 572 7.58 -21.31 20.10
C SER A 572 8.32 -20.18 20.81
#